data_4YOD
#
_entry.id   4YOD
#
_cell.length_a   46.210
_cell.length_b   45.420
_cell.length_c   70.670
_cell.angle_alpha   90.000
_cell.angle_beta   97.420
_cell.angle_gamma   90.000
#
_symmetry.space_group_name_H-M   'P 1 21 1'
#
loop_
_entity.id
_entity.type
_entity.pdbx_description
1 polymer 'thioredoxin-like protein'
2 water water
#
_entity_poly.entity_id   1
_entity_poly.type   'polypeptide(L)'
_entity_poly.pdbx_seq_one_letter_code
;GQTKNEVSQDTIKTFTLPAIPQI(MSE)VAPEQRAEFLVKHYWDNVNFADTNYIHHPEITEQAWVDYCDILNHVPLKTAQ
EAIRKTIDRTNVDKKVFAYITDLADKYLYDPNSP(MSE)RNEEFYIPVLEA(MSE)AASPVLEEIEKVRPKARLELAQKN
RIGTKAINFTYTLASGAQGSLYQLNADYLLLFINNPGCHACTETIEGLKQAPIISQLIKEKKLIVLSIYPDEELDDWRKH
LNEFPKEWINGYDKKFTIKEKQLYDLKAIPTLYLLNKEKTVLLKDATTQAIEEYL(MSE)IHQ
;
_entity_poly.pdbx_strand_id   A
#
# COMPACT_ATOMS: atom_id res chain seq x y z
N THR A 11 17.32 21.54 30.32
CA THR A 11 16.54 21.42 29.09
C THR A 11 16.29 19.94 28.74
N ILE A 12 16.11 19.09 29.78
CA ILE A 12 15.84 17.65 29.63
C ILE A 12 14.39 17.40 29.20
N LYS A 13 14.21 16.69 28.06
CA LYS A 13 12.93 16.34 27.44
C LYS A 13 12.77 14.81 27.31
N THR A 14 11.55 14.34 26.98
CA THR A 14 11.25 12.91 26.80
C THR A 14 11.86 12.44 25.46
N PHE A 15 11.63 13.21 24.36
CA PHE A 15 12.14 12.94 23.01
C PHE A 15 12.84 14.16 22.46
N THR A 16 14.06 13.97 21.94
CA THR A 16 14.88 15.06 21.38
C THR A 16 15.38 14.68 19.98
N LEU A 17 15.22 15.61 19.04
CA LEU A 17 15.69 15.50 17.67
C LEU A 17 17.18 15.90 17.60
N PRO A 18 17.96 15.30 16.67
CA PRO A 18 19.37 15.73 16.54
C PRO A 18 19.45 17.09 15.84
N ALA A 19 20.48 17.89 16.17
CA ALA A 19 20.66 19.21 15.58
C ALA A 19 21.28 19.13 14.17
N ILE A 20 20.60 19.73 13.18
CA ILE A 20 21.07 19.79 11.79
C ILE A 20 22.13 20.92 11.66
N PRO A 21 23.36 20.63 11.16
CA PRO A 21 24.39 21.68 11.06
C PRO A 21 24.06 22.77 10.03
N GLN A 22 24.55 24.01 10.27
CA GLN A 22 24.32 25.18 9.39
C GLN A 22 25.01 25.04 8.03
N ILE A 23 26.13 24.28 7.95
CA ILE A 23 26.89 24.03 6.70
C ILE A 23 26.05 23.21 5.72
N VAL A 25 23.29 23.04 3.66
CA VAL A 25 22.42 23.97 2.96
C VAL A 25 21.47 23.21 2.03
N ALA A 26 22.00 22.26 1.23
CA ALA A 26 21.25 21.50 0.25
C ALA A 26 20.05 20.74 0.88
N PRO A 27 18.79 21.05 0.45
CA PRO A 27 17.62 20.39 1.05
C PRO A 27 17.73 18.86 1.09
N GLU A 28 18.31 18.24 0.04
CA GLU A 28 18.52 16.79 -0.09
C GLU A 28 19.32 16.25 1.09
N GLN A 29 20.47 16.89 1.39
CA GLN A 29 21.38 16.54 2.49
C GLN A 29 20.70 16.71 3.87
N ARG A 30 19.92 17.79 4.01
CA ARG A 30 19.17 18.12 5.23
C ARG A 30 18.12 17.06 5.52
N ALA A 31 17.33 16.66 4.48
CA ALA A 31 16.29 15.63 4.56
C ALA A 31 16.93 14.28 4.90
N GLU A 32 18.09 13.95 4.25
CA GLU A 32 18.85 12.73 4.48
C GLU A 32 19.39 12.68 5.93
N PHE A 33 19.98 13.79 6.42
CA PHE A 33 20.51 13.86 7.80
C PHE A 33 19.40 13.59 8.84
N LEU A 34 18.23 14.21 8.66
CA LEU A 34 17.09 14.10 9.57
C LEU A 34 16.60 12.65 9.67
N VAL A 35 16.51 11.94 8.53
CA VAL A 35 16.08 10.54 8.50
C VAL A 35 17.10 9.65 9.20
N LYS A 36 18.38 9.76 8.84
CA LYS A 36 19.44 8.89 9.35
C LYS A 36 19.69 9.00 10.86
N HIS A 37 19.58 10.21 11.43
CA HIS A 37 19.89 10.46 12.84
C HIS A 37 18.66 10.66 13.73
N TYR A 38 17.46 10.49 13.17
CA TYR A 38 16.16 10.73 13.83
C TYR A 38 16.06 10.14 15.22
N TRP A 39 16.49 8.87 15.40
CA TRP A 39 16.35 8.11 16.64
C TRP A 39 17.62 8.04 17.50
N ASP A 40 18.67 8.81 17.14
CA ASP A 40 19.96 8.82 17.82
C ASP A 40 19.89 9.09 19.34
N ASN A 41 18.93 9.91 19.81
CA ASN A 41 18.84 10.27 21.23
C ASN A 41 17.79 9.46 21.99
N VAL A 42 17.38 8.34 21.42
CA VAL A 42 16.39 7.44 22.01
C VAL A 42 17.10 6.17 22.53
N ASN A 43 16.68 5.71 23.73
CA ASN A 43 17.14 4.47 24.37
C ASN A 43 16.05 3.45 24.16
N PHE A 44 16.25 2.53 23.19
CA PHE A 44 15.22 1.51 22.91
C PHE A 44 15.14 0.39 23.98
N ALA A 45 16.00 0.42 24.99
CA ALA A 45 15.96 -0.53 26.11
C ALA A 45 15.22 0.10 27.32
N ASP A 46 14.72 1.36 27.17
CA ASP A 46 14.03 2.14 28.20
C ASP A 46 12.50 1.84 28.31
N THR A 47 11.82 2.49 29.29
CA THR A 47 10.40 2.32 29.62
C THR A 47 9.50 3.40 28.94
N ASN A 48 10.00 4.05 27.84
CA ASN A 48 9.29 5.10 27.10
CA ASN A 48 9.24 5.11 27.16
C ASN A 48 8.08 4.56 26.30
N TYR A 49 7.81 3.25 26.34
CA TYR A 49 6.69 2.67 25.62
C TYR A 49 5.45 2.56 26.54
N ILE A 50 5.67 2.50 27.88
CA ILE A 50 4.60 2.38 28.88
C ILE A 50 4.22 3.75 29.43
N HIS A 51 5.20 4.42 30.07
CA HIS A 51 5.02 5.70 30.75
C HIS A 51 4.79 6.88 29.80
N HIS A 52 5.20 6.76 28.52
CA HIS A 52 5.07 7.87 27.56
C HIS A 52 4.66 7.40 26.12
N PRO A 53 3.52 6.69 25.93
CA PRO A 53 3.17 6.26 24.57
C PRO A 53 2.65 7.40 23.68
N GLU A 54 2.04 8.45 24.26
CA GLU A 54 1.53 9.60 23.48
C GLU A 54 2.68 10.33 22.79
N ILE A 55 3.80 10.52 23.51
CA ILE A 55 5.01 11.15 22.99
C ILE A 55 5.71 10.24 21.95
N THR A 56 5.93 8.96 22.31
CA THR A 56 6.59 7.99 21.44
C THR A 56 5.80 7.79 20.12
N GLU A 57 4.46 7.67 20.19
CA GLU A 57 3.68 7.43 18.96
C GLU A 57 3.74 8.66 18.04
N GLN A 58 3.70 9.89 18.60
CA GLN A 58 3.79 11.10 17.79
C GLN A 58 5.17 11.20 17.12
N ALA A 59 6.23 10.76 17.82
CA ALA A 59 7.59 10.68 17.27
C ALA A 59 7.63 9.71 16.07
N TRP A 60 6.92 8.56 16.19
CA TRP A 60 6.82 7.57 15.10
C TRP A 60 6.07 8.17 13.88
N VAL A 61 4.95 8.87 14.12
CA VAL A 61 4.13 9.52 13.08
C VAL A 61 5.00 10.55 12.29
N ASP A 62 5.73 11.42 13.01
CA ASP A 62 6.62 12.43 12.42
C ASP A 62 7.77 11.77 11.61
N TYR A 63 8.27 10.62 12.07
CA TYR A 63 9.29 9.85 11.35
C TYR A 63 8.75 9.35 10.01
N CYS A 64 7.53 8.74 10.00
CA CYS A 64 6.93 8.25 8.75
C CYS A 64 6.77 9.41 7.73
N ASP A 65 6.48 10.64 8.21
CA ASP A 65 6.33 11.82 7.34
CA ASP A 65 6.32 11.81 7.33
C ASP A 65 7.65 12.25 6.68
N ILE A 66 8.77 12.31 7.46
CA ILE A 66 10.06 12.75 6.92
C ILE A 66 10.67 11.69 5.97
N LEU A 67 10.24 10.41 6.07
CA LEU A 67 10.69 9.34 5.17
C LEU A 67 10.26 9.58 3.71
N ASN A 68 9.23 10.41 3.50
CA ASN A 68 8.77 10.76 2.16
C ASN A 68 9.69 11.75 1.44
N HIS A 69 10.58 12.44 2.17
CA HIS A 69 11.40 13.51 1.60
C HIS A 69 12.81 13.06 1.18
N VAL A 70 13.07 11.74 1.16
CA VAL A 70 14.36 11.18 0.78
C VAL A 70 14.16 10.11 -0.31
N PRO A 71 15.21 9.68 -1.06
CA PRO A 71 15.01 8.56 -2.01
C PRO A 71 14.45 7.34 -1.29
N LEU A 72 13.61 6.56 -1.96
CA LEU A 72 12.99 5.38 -1.35
C LEU A 72 14.03 4.41 -0.76
N LYS A 73 15.16 4.17 -1.45
CA LYS A 73 16.18 3.25 -0.94
C LYS A 73 16.79 3.74 0.38
N THR A 74 16.95 5.07 0.55
CA THR A 74 17.46 5.69 1.77
C THR A 74 16.45 5.51 2.90
N ALA A 75 15.15 5.73 2.60
CA ALA A 75 14.08 5.52 3.56
C ALA A 75 14.03 4.04 4.00
N GLN A 76 14.07 3.10 3.04
CA GLN A 76 14.00 1.66 3.32
C GLN A 76 15.18 1.20 4.21
N GLU A 77 16.42 1.69 3.92
CA GLU A 77 17.61 1.39 4.70
CA GLU A 77 17.61 1.38 4.70
C GLU A 77 17.47 1.92 6.14
N ALA A 78 16.96 3.16 6.29
CA ALA A 78 16.79 3.78 7.62
C ALA A 78 15.73 3.05 8.44
N ILE A 79 14.56 2.71 7.83
CA ILE A 79 13.48 1.97 8.50
C ILE A 79 14.03 0.63 9.03
N ARG A 80 14.75 -0.13 8.19
CA ARG A 80 15.35 -1.42 8.58
C ARG A 80 16.30 -1.23 9.80
N LYS A 81 17.23 -0.25 9.74
CA LYS A 81 18.15 0.02 10.86
C LYS A 81 17.40 0.35 12.16
N THR A 82 16.31 1.14 12.07
CA THR A 82 15.50 1.54 13.25
C THR A 82 14.88 0.30 13.89
N ILE A 83 14.20 -0.57 13.11
CA ILE A 83 13.60 -1.80 13.64
C ILE A 83 14.69 -2.71 14.26
N ASP A 84 15.85 -2.86 13.59
CA ASP A 84 16.97 -3.69 14.09
C ASP A 84 17.41 -3.24 15.48
N ARG A 85 17.45 -1.93 15.69
CA ARG A 85 17.82 -1.34 16.99
C ARG A 85 16.85 -1.74 18.10
N THR A 86 15.56 -1.99 17.78
CA THR A 86 14.56 -2.30 18.81
C THR A 86 14.68 -3.74 19.34
N ASN A 87 15.50 -4.58 18.68
CA ASN A 87 15.79 -5.96 19.11
C ASN A 87 16.44 -6.01 20.51
N VAL A 88 16.84 -4.85 21.05
CA VAL A 88 17.43 -4.78 22.41
C VAL A 88 16.39 -5.13 23.50
N ASP A 89 15.09 -5.01 23.20
CA ASP A 89 14.03 -5.31 24.17
C ASP A 89 12.82 -5.82 23.41
N LYS A 90 12.41 -7.07 23.69
CA LYS A 90 11.28 -7.72 23.01
C LYS A 90 9.97 -6.91 23.11
N LYS A 91 9.69 -6.31 24.27
CA LYS A 91 8.46 -5.52 24.44
C LYS A 91 8.49 -4.19 23.60
N VAL A 92 9.68 -3.57 23.43
CA VAL A 92 9.85 -2.36 22.61
C VAL A 92 9.73 -2.73 21.11
N PHE A 93 10.36 -3.86 20.71
CA PHE A 93 10.28 -4.37 19.33
C PHE A 93 8.81 -4.55 18.94
N ALA A 94 8.02 -5.19 19.83
CA ALA A 94 6.58 -5.46 19.65
C ALA A 94 5.78 -4.16 19.54
N TYR A 95 6.10 -3.17 20.39
CA TYR A 95 5.42 -1.88 20.39
C TYR A 95 5.69 -1.09 19.08
N ILE A 96 6.96 -0.96 18.67
CA ILE A 96 7.34 -0.19 17.48
C ILE A 96 6.86 -0.91 16.20
N THR A 97 6.96 -2.25 16.14
CA THR A 97 6.47 -2.96 14.95
C THR A 97 4.95 -2.86 14.86
N ASP A 98 4.26 -2.79 16.00
CA ASP A 98 2.80 -2.62 16.03
C ASP A 98 2.43 -1.22 15.52
N LEU A 99 3.20 -0.18 15.88
CA LEU A 99 2.99 1.18 15.33
C LEU A 99 3.19 1.18 13.81
N ALA A 100 4.21 0.44 13.30
CA ALA A 100 4.49 0.32 11.85
C ALA A 100 3.29 -0.29 11.13
N ASP A 101 2.63 -1.29 11.72
CA ASP A 101 1.41 -1.90 11.16
C ASP A 101 0.29 -0.83 11.15
N LYS A 102 -0.03 -0.24 12.32
CA LYS A 102 -1.07 0.77 12.49
C LYS A 102 -0.99 1.92 11.45
N TYR A 103 0.21 2.41 11.15
CA TYR A 103 0.33 3.56 10.26
C TYR A 103 0.71 3.23 8.81
N LEU A 104 1.55 2.21 8.60
CA LEU A 104 2.03 1.91 7.25
C LEU A 104 1.31 0.77 6.58
N TYR A 105 0.59 -0.09 7.31
CA TYR A 105 -0.09 -1.25 6.69
C TYR A 105 -1.61 -1.13 6.67
N ASP A 106 -2.22 -0.78 7.83
CA ASP A 106 -3.67 -0.65 8.01
C ASP A 106 -4.32 0.12 6.84
N PRO A 107 -5.33 -0.49 6.14
CA PRO A 107 -5.97 0.21 5.00
C PRO A 107 -6.67 1.50 5.38
N ASN A 108 -7.07 1.63 6.65
CA ASN A 108 -7.73 2.82 7.17
C ASN A 108 -6.72 3.96 7.46
N SER A 109 -5.40 3.69 7.43
CA SER A 109 -4.41 4.72 7.69
C SER A 109 -4.16 5.60 6.44
N PRO A 110 -4.24 6.95 6.54
CA PRO A 110 -3.92 7.79 5.37
C PRO A 110 -2.41 7.84 5.08
N ARG A 112 -0.56 4.97 5.02
CA ARG A 112 -0.26 3.64 4.50
C ARG A 112 0.72 3.70 3.31
N ASN A 113 1.77 2.85 3.35
CA ASN A 113 2.78 2.77 2.31
C ASN A 113 3.47 1.44 2.43
N GLU A 114 3.17 0.57 1.48
CA GLU A 114 3.70 -0.78 1.47
C GLU A 114 5.21 -0.81 1.24
N GLU A 115 5.75 0.16 0.49
CA GLU A 115 7.20 0.22 0.28
C GLU A 115 7.94 0.61 1.60
N PHE A 116 7.24 1.26 2.57
CA PHE A 116 7.88 1.53 3.85
C PHE A 116 7.65 0.36 4.81
N TYR A 117 6.53 -0.36 4.65
CA TYR A 117 6.23 -1.49 5.53
C TYR A 117 7.06 -2.74 5.21
N ILE A 118 7.38 -3.00 3.92
CA ILE A 118 8.20 -4.17 3.49
C ILE A 118 9.55 -4.25 4.30
N PRO A 119 10.41 -3.19 4.44
CA PRO A 119 11.62 -3.34 5.30
C PRO A 119 11.29 -3.66 6.77
N VAL A 120 10.13 -3.20 7.30
CA VAL A 120 9.71 -3.59 8.68
C VAL A 120 9.49 -5.13 8.74
N LEU A 121 8.76 -5.69 7.74
CA LEU A 121 8.47 -7.13 7.65
C LEU A 121 9.71 -7.94 7.49
N GLU A 122 10.70 -7.42 6.71
CA GLU A 122 12.00 -8.06 6.49
C GLU A 122 12.79 -8.12 7.81
N ALA A 123 12.75 -7.02 8.58
CA ALA A 123 13.42 -6.98 9.88
C ALA A 123 12.78 -7.95 10.86
N ALA A 125 11.10 -10.85 10.07
CA ALA A 125 11.44 -12.21 9.66
C ALA A 125 12.89 -12.55 10.06
N ALA A 126 13.77 -11.53 10.16
CA ALA A 126 15.18 -11.72 10.54
C ALA A 126 15.45 -11.42 12.01
N SER A 127 14.39 -11.22 12.81
CA SER A 127 14.56 -10.83 14.20
C SER A 127 14.93 -11.99 15.14
N PRO A 128 16.00 -11.81 15.94
CA PRO A 128 16.34 -12.85 16.93
C PRO A 128 15.45 -12.78 18.21
N VAL A 129 14.58 -11.78 18.36
CA VAL A 129 13.72 -11.69 19.56
C VAL A 129 12.36 -12.34 19.33
N LEU A 130 11.99 -12.67 18.06
CA LEU A 130 10.70 -13.31 17.80
C LEU A 130 10.81 -14.81 17.78
N GLU A 131 9.81 -15.48 18.39
CA GLU A 131 9.63 -16.93 18.39
C GLU A 131 9.17 -17.34 16.99
N GLU A 132 9.37 -18.60 16.61
CA GLU A 132 8.97 -19.04 15.27
C GLU A 132 7.45 -18.76 14.98
N ILE A 133 6.55 -18.94 15.97
CA ILE A 133 5.11 -18.68 15.78
C ILE A 133 4.84 -17.19 15.52
N GLU A 134 5.63 -16.31 16.16
CA GLU A 134 5.48 -14.85 15.99
C GLU A 134 5.96 -14.40 14.61
N LYS A 135 6.76 -15.23 13.92
CA LYS A 135 7.24 -14.87 12.58
C LYS A 135 6.27 -15.32 11.45
N VAL A 136 5.27 -16.18 11.77
CA VAL A 136 4.29 -16.68 10.78
C VAL A 136 3.55 -15.50 10.09
N ARG A 137 2.95 -14.59 10.85
CA ARG A 137 2.22 -13.48 10.22
C ARG A 137 3.16 -12.50 9.45
N PRO A 138 4.30 -11.94 9.95
CA PRO A 138 5.12 -11.07 9.08
C PRO A 138 5.62 -11.75 7.80
N LYS A 139 6.03 -13.05 7.87
CA LYS A 139 6.50 -13.77 6.68
C LYS A 139 5.39 -13.92 5.64
N ALA A 140 4.13 -14.19 6.10
CA ALA A 140 2.96 -14.31 5.22
C ALA A 140 2.62 -12.94 4.59
N ARG A 141 2.69 -11.86 5.38
CA ARG A 141 2.45 -10.50 4.85
C ARG A 141 3.54 -10.12 3.84
N LEU A 142 4.80 -10.52 4.09
CA LEU A 142 5.95 -10.22 3.20
C LEU A 142 5.78 -10.95 1.86
N GLU A 143 5.34 -12.23 1.88
CA GLU A 143 5.06 -13.00 0.66
C GLU A 143 3.94 -12.35 -0.16
N LEU A 144 2.85 -11.97 0.51
CA LEU A 144 1.71 -11.34 -0.15
C LEU A 144 2.08 -9.93 -0.70
N ALA A 145 2.93 -9.16 0.02
CA ALA A 145 3.36 -7.81 -0.40
C ALA A 145 4.24 -7.86 -1.69
N GLN A 146 4.83 -9.02 -2.02
CA GLN A 146 5.60 -9.23 -3.23
C GLN A 146 4.68 -9.36 -4.44
N LYS A 147 3.45 -9.86 -4.21
CA LYS A 147 2.48 -10.04 -5.29
C LYS A 147 1.96 -8.69 -5.73
N ASN A 148 2.03 -8.39 -7.05
CA ASN A 148 1.59 -7.12 -7.64
C ASN A 148 2.31 -5.93 -6.99
N ARG A 149 3.56 -6.19 -6.52
CA ARG A 149 4.40 -5.14 -5.97
C ARG A 149 4.66 -4.09 -7.09
N ILE A 150 4.78 -2.80 -6.72
CA ILE A 150 5.08 -1.74 -7.70
C ILE A 150 6.40 -2.11 -8.43
N GLY A 151 6.40 -2.02 -9.76
CA GLY A 151 7.56 -2.33 -10.57
C GLY A 151 7.65 -3.80 -10.96
N THR A 152 6.63 -4.59 -10.62
CA THR A 152 6.60 -6.03 -10.97
C THR A 152 5.36 -6.32 -11.81
N LYS A 153 5.38 -7.42 -12.56
CA LYS A 153 4.27 -7.80 -13.44
C LYS A 153 3.07 -8.31 -12.63
N ALA A 154 1.87 -7.77 -12.93
CA ALA A 154 0.64 -8.16 -12.24
C ALA A 154 0.31 -9.65 -12.41
N ILE A 155 -0.35 -10.26 -11.41
CA ILE A 155 -0.72 -11.68 -11.50
C ILE A 155 -1.97 -11.82 -12.40
N ASN A 156 -1.84 -12.65 -13.46
CA ASN A 156 -2.93 -12.90 -14.41
C ASN A 156 -4.08 -13.66 -13.74
N PHE A 157 -5.31 -13.41 -14.22
CA PHE A 157 -6.51 -14.06 -13.71
C PHE A 157 -7.57 -14.02 -14.79
N THR A 158 -8.53 -14.96 -14.72
CA THR A 158 -9.68 -15.10 -15.61
C THR A 158 -10.89 -14.42 -14.97
N TYR A 159 -11.58 -13.58 -15.76
CA TYR A 159 -12.80 -12.90 -15.30
C TYR A 159 -13.99 -13.38 -16.15
N THR A 160 -15.19 -13.31 -15.56
CA THR A 160 -16.40 -13.75 -16.27
C THR A 160 -17.33 -12.56 -16.39
N LEU A 161 -17.86 -12.31 -17.60
CA LEU A 161 -18.78 -11.20 -17.88
C LEU A 161 -20.22 -11.62 -17.56
N ALA A 162 -21.15 -10.64 -17.55
CA ALA A 162 -22.59 -10.87 -17.31
C ALA A 162 -23.17 -11.91 -18.27
N SER A 163 -22.71 -11.92 -19.54
CA SER A 163 -23.18 -12.86 -20.57
C SER A 163 -22.67 -14.28 -20.33
N GLY A 164 -21.60 -14.41 -19.57
CA GLY A 164 -20.96 -15.69 -19.27
C GLY A 164 -19.66 -15.86 -20.02
N ALA A 165 -19.34 -14.88 -20.90
CA ALA A 165 -18.13 -14.83 -21.70
C ALA A 165 -16.92 -14.64 -20.79
N GLN A 166 -15.81 -15.32 -21.11
CA GLN A 166 -14.61 -15.23 -20.29
C GLN A 166 -13.45 -14.57 -21.03
N GLY A 167 -12.56 -13.98 -20.24
CA GLY A 167 -11.34 -13.32 -20.70
C GLY A 167 -10.31 -13.34 -19.61
N SER A 168 -9.06 -13.01 -19.95
CA SER A 168 -7.99 -12.93 -18.95
C SER A 168 -7.40 -11.52 -18.93
N LEU A 169 -6.79 -11.14 -17.79
CA LEU A 169 -6.15 -9.83 -17.64
C LEU A 169 -5.13 -9.57 -18.75
N TYR A 170 -4.25 -10.54 -19.01
CA TYR A 170 -3.17 -10.38 -19.98
C TYR A 170 -3.64 -10.40 -21.43
N GLN A 171 -4.89 -10.82 -21.70
CA GLN A 171 -5.47 -10.84 -23.04
C GLN A 171 -5.97 -9.44 -23.44
N LEU A 172 -6.01 -8.51 -22.48
CA LEU A 172 -6.44 -7.15 -22.76
C LEU A 172 -5.27 -6.33 -23.24
N ASN A 173 -5.50 -5.56 -24.31
CA ASN A 173 -4.47 -4.78 -24.96
C ASN A 173 -4.77 -3.30 -24.90
N ALA A 174 -3.94 -2.56 -24.13
CA ALA A 174 -4.01 -1.11 -23.95
C ALA A 174 -2.73 -0.58 -23.33
N ASP A 175 -2.40 0.71 -23.58
CA ASP A 175 -1.23 1.38 -22.98
C ASP A 175 -1.35 1.38 -21.46
N TYR A 176 -2.58 1.45 -20.94
CA TYR A 176 -2.85 1.46 -19.51
C TYR A 176 -4.03 0.59 -19.16
N LEU A 177 -3.94 -0.06 -18.01
CA LEU A 177 -5.02 -0.86 -17.48
C LEU A 177 -5.30 -0.42 -16.06
N LEU A 178 -6.54 0.01 -15.81
CA LEU A 178 -7.01 0.41 -14.50
C LEU A 178 -7.83 -0.74 -13.95
N LEU A 179 -7.28 -1.41 -12.93
CA LEU A 179 -7.90 -2.57 -12.29
C LEU A 179 -8.68 -2.09 -11.06
N PHE A 180 -9.97 -2.38 -11.01
CA PHE A 180 -10.78 -1.91 -9.89
C PHE A 180 -11.45 -3.10 -9.18
N ILE A 181 -10.89 -3.49 -8.03
CA ILE A 181 -11.44 -4.58 -7.22
C ILE A 181 -12.57 -3.99 -6.38
N ASN A 182 -13.79 -4.51 -6.56
CA ASN A 182 -15.01 -3.95 -5.96
C ASN A 182 -15.88 -4.97 -5.21
N ASN A 183 -16.88 -4.44 -4.48
CA ASN A 183 -17.93 -5.15 -3.73
C ASN A 183 -19.28 -4.46 -3.99
N PRO A 184 -20.38 -5.21 -4.19
CA PRO A 184 -21.68 -4.54 -4.41
C PRO A 184 -22.27 -3.99 -3.10
N GLY A 185 -23.06 -2.93 -3.23
CA GLY A 185 -23.72 -2.27 -2.10
C GLY A 185 -22.85 -1.32 -1.30
N CYS A 186 -21.53 -1.62 -1.22
CA CYS A 186 -20.44 -0.91 -0.53
C CYS A 186 -20.46 0.58 -0.94
N HIS A 187 -20.67 1.47 0.05
CA HIS A 187 -20.73 2.93 -0.14
C HIS A 187 -19.40 3.50 -0.65
N ALA A 188 -18.27 2.99 -0.14
CA ALA A 188 -16.92 3.40 -0.56
C ALA A 188 -16.67 3.02 -2.04
N CYS A 189 -17.30 1.92 -2.52
CA CYS A 189 -17.22 1.45 -3.90
C CYS A 189 -17.99 2.41 -4.82
N THR A 190 -19.17 2.90 -4.37
CA THR A 190 -20.00 3.86 -5.12
C THR A 190 -19.26 5.20 -5.27
N GLU A 191 -18.60 5.65 -4.18
CA GLU A 191 -17.79 6.87 -4.09
C GLU A 191 -16.62 6.80 -5.11
N THR A 192 -15.97 5.62 -5.21
CA THR A 192 -14.86 5.36 -6.13
C THR A 192 -15.37 5.36 -7.60
N ILE A 193 -16.54 4.74 -7.89
CA ILE A 193 -17.13 4.75 -9.24
C ILE A 193 -17.33 6.21 -9.69
N GLU A 194 -17.91 7.06 -8.80
CA GLU A 194 -18.19 8.48 -9.04
C GLU A 194 -16.90 9.28 -9.26
N GLY A 195 -15.87 8.99 -8.46
CA GLY A 195 -14.56 9.62 -8.58
C GLY A 195 -13.86 9.32 -9.90
N LEU A 196 -13.99 8.07 -10.40
CA LEU A 196 -13.44 7.67 -11.69
C LEU A 196 -14.22 8.30 -12.84
N LYS A 197 -15.56 8.38 -12.73
CA LYS A 197 -16.45 8.98 -13.74
C LYS A 197 -16.22 10.50 -13.86
N GLN A 198 -15.91 11.17 -12.74
CA GLN A 198 -15.70 12.63 -12.67
C GLN A 198 -14.25 13.04 -13.03
N ALA A 199 -13.38 12.09 -13.42
CA ALA A 199 -12.01 12.42 -13.83
C ALA A 199 -11.96 12.47 -15.36
N PRO A 200 -11.79 13.67 -15.98
CA PRO A 200 -11.85 13.77 -17.45
C PRO A 200 -10.82 12.94 -18.21
N ILE A 201 -9.58 12.80 -17.67
CA ILE A 201 -8.52 12.03 -18.34
C ILE A 201 -8.94 10.55 -18.54
N ILE A 202 -9.70 9.95 -17.59
CA ILE A 202 -10.17 8.54 -17.65
C ILE A 202 -11.07 8.35 -18.90
N SER A 203 -12.15 9.15 -18.99
CA SER A 203 -13.12 9.16 -20.09
C SER A 203 -12.44 9.38 -21.44
N GLN A 204 -11.44 10.29 -21.49
CA GLN A 204 -10.69 10.64 -22.70
C GLN A 204 -9.85 9.47 -23.19
N LEU A 205 -9.03 8.85 -22.30
CA LEU A 205 -8.16 7.74 -22.68
C LEU A 205 -8.96 6.46 -22.96
N ILE A 206 -10.15 6.28 -22.33
CA ILE A 206 -11.02 5.12 -22.66
C ILE A 206 -11.48 5.29 -24.11
N LYS A 207 -11.95 6.50 -24.48
CA LYS A 207 -12.44 6.88 -25.82
C LYS A 207 -11.34 6.69 -26.89
N GLU A 208 -10.10 7.14 -26.58
CA GLU A 208 -8.91 7.00 -27.44
C GLU A 208 -8.41 5.56 -27.53
N LYS A 209 -9.01 4.64 -26.74
CA LYS A 209 -8.66 3.21 -26.62
C LYS A 209 -7.22 3.04 -26.03
N LYS A 210 -6.74 4.06 -25.28
CA LYS A 210 -5.44 4.07 -24.62
C LYS A 210 -5.54 3.46 -23.22
N LEU A 211 -6.74 3.43 -22.64
CA LEU A 211 -6.99 2.93 -21.28
C LEU A 211 -8.18 1.99 -21.23
N ILE A 212 -8.01 0.87 -20.54
CA ILE A 212 -9.10 -0.08 -20.28
C ILE A 212 -9.35 -0.06 -18.77
N VAL A 213 -10.63 0.00 -18.38
CA VAL A 213 -11.01 -0.09 -16.98
C VAL A 213 -11.64 -1.50 -16.79
N LEU A 214 -10.99 -2.34 -15.99
CA LEU A 214 -11.45 -3.67 -15.67
C LEU A 214 -11.90 -3.71 -14.21
N SER A 215 -13.20 -3.90 -13.99
CA SER A 215 -13.69 -3.99 -12.60
C SER A 215 -13.83 -5.47 -12.29
N ILE A 216 -13.35 -5.90 -11.13
CA ILE A 216 -13.41 -7.31 -10.77
C ILE A 216 -14.01 -7.50 -9.37
N TYR A 217 -15.07 -8.31 -9.33
CA TYR A 217 -15.71 -8.69 -8.10
C TYR A 217 -15.13 -10.06 -7.69
N PRO A 218 -14.44 -10.16 -6.54
CA PRO A 218 -13.81 -11.44 -6.18
C PRO A 218 -14.60 -12.32 -5.21
N ASP A 219 -15.72 -11.83 -4.62
CA ASP A 219 -16.45 -12.61 -3.61
C ASP A 219 -17.56 -13.49 -4.21
N GLU A 220 -18.34 -14.16 -3.32
CA GLU A 220 -19.35 -15.17 -3.63
C GLU A 220 -20.82 -14.70 -3.69
N GLU A 221 -21.09 -13.40 -3.44
CA GLU A 221 -22.47 -12.86 -3.47
C GLU A 221 -22.81 -12.37 -4.90
N LEU A 222 -22.77 -13.32 -5.87
CA LEU A 222 -22.99 -13.14 -7.31
C LEU A 222 -24.33 -12.48 -7.68
N ASP A 223 -25.39 -12.71 -6.87
CA ASP A 223 -26.71 -12.12 -7.12
C ASP A 223 -26.68 -10.59 -6.88
N ASP A 224 -26.09 -10.16 -5.73
CA ASP A 224 -25.96 -8.75 -5.35
C ASP A 224 -25.13 -7.96 -6.37
N TRP A 225 -24.17 -8.65 -7.03
CA TRP A 225 -23.33 -8.09 -8.08
C TRP A 225 -24.15 -7.80 -9.34
N ARG A 226 -25.01 -8.76 -9.77
CA ARG A 226 -25.87 -8.65 -10.95
C ARG A 226 -26.89 -7.50 -10.82
N LYS A 227 -27.37 -7.21 -9.60
CA LYS A 227 -28.34 -6.14 -9.42
C LYS A 227 -27.66 -4.76 -9.29
N HIS A 228 -26.37 -4.71 -8.93
CA HIS A 228 -25.65 -3.43 -8.80
C HIS A 228 -24.77 -3.14 -10.02
N LEU A 229 -24.83 -4.01 -11.05
CA LEU A 229 -24.07 -3.93 -12.30
C LEU A 229 -24.40 -2.67 -13.11
N ASN A 230 -25.63 -2.11 -12.95
CA ASN A 230 -26.10 -0.90 -13.63
C ASN A 230 -25.29 0.36 -13.20
N GLU A 231 -24.70 0.34 -11.98
CA GLU A 231 -23.88 1.42 -11.42
C GLU A 231 -22.55 1.61 -12.20
N PHE A 232 -21.99 0.52 -12.74
CA PHE A 232 -20.73 0.57 -13.51
C PHE A 232 -20.98 1.05 -14.93
N PRO A 233 -20.16 1.98 -15.47
CA PRO A 233 -20.37 2.42 -16.86
C PRO A 233 -20.18 1.27 -17.85
N LYS A 234 -20.95 1.27 -18.95
CA LYS A 234 -20.90 0.24 -20.00
C LYS A 234 -19.55 0.24 -20.73
N GLU A 235 -18.84 1.38 -20.67
CA GLU A 235 -17.53 1.62 -21.28
C GLU A 235 -16.42 0.82 -20.57
N TRP A 236 -16.69 0.32 -19.35
CA TRP A 236 -15.73 -0.50 -18.63
C TRP A 236 -16.01 -1.97 -18.85
N ILE A 237 -15.02 -2.82 -18.61
CA ILE A 237 -15.16 -4.27 -18.65
C ILE A 237 -15.48 -4.65 -17.21
N ASN A 238 -16.70 -5.13 -16.97
CA ASN A 238 -17.17 -5.45 -15.61
C ASN A 238 -17.34 -6.95 -15.43
N GLY A 239 -16.43 -7.55 -14.67
CA GLY A 239 -16.43 -8.99 -14.44
C GLY A 239 -16.42 -9.47 -13.01
N TYR A 240 -16.56 -10.80 -12.86
CA TYR A 240 -16.51 -11.46 -11.56
C TYR A 240 -15.58 -12.65 -11.65
N ASP A 241 -15.15 -13.17 -10.50
CA ASP A 241 -14.27 -14.33 -10.39
C ASP A 241 -15.13 -15.56 -10.15
N LYS A 242 -15.49 -16.28 -11.23
CA LYS A 242 -16.38 -17.46 -11.20
C LYS A 242 -15.95 -18.50 -10.16
N LYS A 243 -14.67 -18.92 -10.16
CA LYS A 243 -14.18 -19.96 -9.25
C LYS A 243 -13.56 -19.36 -7.96
N PHE A 244 -13.62 -18.01 -7.78
CA PHE A 244 -13.12 -17.29 -6.60
C PHE A 244 -11.61 -17.58 -6.36
N THR A 245 -10.84 -17.65 -7.47
CA THR A 245 -9.41 -17.95 -7.51
C THR A 245 -8.56 -16.85 -6.85
N ILE A 246 -8.90 -15.56 -7.07
CA ILE A 246 -8.15 -14.44 -6.47
C ILE A 246 -8.20 -14.56 -4.97
N LYS A 247 -9.42 -14.78 -4.41
CA LYS A 247 -9.70 -14.90 -2.99
C LYS A 247 -9.05 -16.18 -2.42
N GLU A 248 -9.31 -17.36 -3.04
CA GLU A 248 -8.81 -18.66 -2.57
C GLU A 248 -7.29 -18.77 -2.59
N LYS A 249 -6.65 -18.30 -3.67
CA LYS A 249 -5.19 -18.39 -3.80
C LYS A 249 -4.48 -17.11 -3.34
N GLN A 250 -5.23 -16.10 -2.88
CA GLN A 250 -4.65 -14.80 -2.45
C GLN A 250 -3.75 -14.21 -3.55
N LEU A 251 -4.24 -14.20 -4.80
CA LEU A 251 -3.51 -13.64 -5.97
C LEU A 251 -3.36 -12.14 -5.81
N TYR A 252 -4.36 -11.52 -5.17
CA TYR A 252 -4.37 -10.10 -4.85
C TYR A 252 -4.68 -9.93 -3.38
N ASP A 253 -4.11 -8.90 -2.74
CA ASP A 253 -4.36 -8.58 -1.34
C ASP A 253 -5.72 -7.88 -1.28
N LEU A 254 -6.68 -8.52 -0.64
CA LEU A 254 -8.04 -7.98 -0.59
C LEU A 254 -8.41 -7.34 0.77
N LYS A 255 -7.43 -6.95 1.60
CA LYS A 255 -7.70 -6.38 2.94
C LYS A 255 -8.46 -5.02 2.85
N ALA A 256 -8.37 -4.37 1.69
CA ALA A 256 -9.04 -3.11 1.40
C ALA A 256 -9.83 -3.22 0.11
N ILE A 257 -11.16 -3.16 0.21
CA ILE A 257 -12.05 -3.16 -0.95
C ILE A 257 -12.95 -1.93 -0.76
N PRO A 258 -12.95 -0.97 -1.71
CA PRO A 258 -12.34 -1.03 -3.04
C PRO A 258 -10.84 -0.82 -3.04
N THR A 259 -10.19 -1.31 -4.09
CA THR A 259 -8.77 -1.08 -4.29
C THR A 259 -8.52 -0.87 -5.77
N LEU A 260 -7.60 0.03 -6.10
CA LEU A 260 -7.29 0.37 -7.48
C LEU A 260 -5.84 0.11 -7.81
N TYR A 261 -5.59 -0.42 -9.01
CA TYR A 261 -4.25 -0.64 -9.56
C TYR A 261 -4.16 0.04 -10.90
N LEU A 262 -3.01 0.61 -11.21
CA LEU A 262 -2.74 1.11 -12.56
C LEU A 262 -1.59 0.29 -13.11
N LEU A 263 -1.79 -0.32 -14.26
CA LEU A 263 -0.78 -1.16 -14.93
C LEU A 263 -0.38 -0.53 -16.25
N ASN A 264 0.87 -0.78 -16.72
CA ASN A 264 1.30 -0.26 -18.02
C ASN A 264 0.91 -1.30 -19.13
N LYS A 265 1.43 -1.11 -20.36
CA LYS A 265 1.19 -1.94 -21.55
C LYS A 265 1.56 -3.43 -21.34
N GLU A 266 2.66 -3.69 -20.62
CA GLU A 266 3.19 -5.03 -20.32
C GLU A 266 2.59 -5.61 -19.02
N LYS A 267 1.64 -4.88 -18.40
CA LYS A 267 0.94 -5.23 -17.15
C LYS A 267 1.86 -5.08 -15.93
N THR A 268 2.94 -4.30 -16.05
CA THR A 268 3.79 -3.95 -14.91
C THR A 268 2.96 -2.99 -14.03
N VAL A 269 2.97 -3.20 -12.71
CA VAL A 269 2.25 -2.35 -11.73
C VAL A 269 2.96 -1.01 -11.65
N LEU A 270 2.22 0.07 -11.93
CA LEU A 270 2.66 1.46 -11.82
C LEU A 270 2.22 2.06 -10.48
N LEU A 271 0.97 1.81 -10.10
CA LEU A 271 0.37 2.28 -8.85
C LEU A 271 -0.40 1.10 -8.24
N LYS A 272 -0.22 0.90 -6.93
CA LYS A 272 -0.78 -0.19 -6.15
C LYS A 272 -1.63 0.38 -5.04
N ASP A 273 -2.91 -0.06 -4.93
CA ASP A 273 -3.84 0.40 -3.88
C ASP A 273 -3.87 1.94 -3.85
N ALA A 274 -4.02 2.55 -5.03
CA ALA A 274 -3.97 4.00 -5.22
C ALA A 274 -5.30 4.68 -5.06
N THR A 275 -5.26 5.98 -4.74
CA THR A 275 -6.48 6.79 -4.69
C THR A 275 -6.88 7.15 -6.12
N THR A 276 -8.13 7.57 -6.34
CA THR A 276 -8.59 8.04 -7.65
C THR A 276 -7.77 9.28 -8.07
N GLN A 277 -7.40 10.14 -7.11
CA GLN A 277 -6.61 11.36 -7.37
C GLN A 277 -5.19 11.01 -7.89
N ALA A 278 -4.54 9.98 -7.29
CA ALA A 278 -3.21 9.53 -7.67
C ALA A 278 -3.22 8.99 -9.11
N ILE A 279 -4.23 8.18 -9.45
CA ILE A 279 -4.37 7.62 -10.80
C ILE A 279 -4.60 8.76 -11.80
N GLU A 280 -5.53 9.67 -11.47
CA GLU A 280 -5.85 10.81 -12.32
C GLU A 280 -4.61 11.67 -12.57
N GLU A 281 -3.84 11.99 -11.52
CA GLU A 281 -2.66 12.82 -11.72
C GLU A 281 -1.61 12.12 -12.54
N TYR A 282 -1.38 10.82 -12.28
CA TYR A 282 -0.41 10.02 -13.04
C TYR A 282 -0.74 10.05 -14.53
N LEU A 283 -2.00 9.79 -14.88
CA LEU A 283 -2.42 9.74 -16.29
C LEU A 283 -2.34 11.12 -16.94
N ILE A 285 -0.10 13.43 -16.25
CA ILE A 285 1.32 13.71 -16.45
C ILE A 285 1.90 12.87 -17.61
N HIS A 286 1.51 11.60 -17.72
CA HIS A 286 2.09 10.68 -18.71
C HIS A 286 1.28 10.56 -20.00
N GLN A 287 -0.05 10.34 -19.93
CA GLN A 287 -0.98 10.26 -21.07
C GLN A 287 -0.51 9.25 -22.14
#